data_1NGZ
#
_entry.id   1NGZ
#
_cell.length_a   38.874
_cell.length_b   44.416
_cell.length_c   57.863
_cell.angle_alpha   84.22
_cell.angle_beta   77.04
_cell.angle_gamma   89.39
#
_symmetry.space_group_name_H-M   'P 1'
#
loop_
_entity.id
_entity.type
_entity.pdbx_description
1 polymer 'Germline Metal Chelatase Catalytic Antibody, Light chain'
2 polymer 'Germline Metal Chelatase Catalytic Antibody, Heavy chain'
3 water water
#
loop_
_entity_poly.entity_id
_entity_poly.type
_entity_poly.pdbx_seq_one_letter_code
_entity_poly.pdbx_strand_id
1 'polypeptide(L)'
;ELVMTQTPKFMSTSVGDRVSITCKASQNVGTAVAWYQQKPGQSPKLLIYSASNRYTGVPDRFTGSGSGTDFTLTISNMQS
EDLADYFCQQYSSYPLTFGGGTKVEIKRTVAAPSVFIFPPSDEQLKSGTASVVCLLNNFYPREAKVQWKVDNALQSGNSQ
ESVTEQDSKDSTYSLSSTLTLSKADYEKHKVYACEVTHQGLSSPVTKSFNRGE
;
A
2 'polypeptide(L)'
;QVQLLESGAELVKPGASVKLSCKASGYTFTSYWMHWVKQRPGRGLEWIGRIDPNSGGTKYNEKFKSKATLTVDKPSSTAY
MQLSSLTSEDSAVYYCTRRDSDYWGAGTTVTVSSASTKGPSVFPLAPSSKSTSGGTAALGCLVKDYFPEPVTVSWNSGAL
TSGVHTFPAVLQSSGLYSLSSVVTVPSSSLGTQTYICNVNHKPSNTKVDKKVEPKSCDKT
;
B
#
# COMPACT_ATOMS: atom_id res chain seq x y z
N GLU A 1 -21.62 -12.93 -12.24
CA GLU A 1 -20.76 -11.71 -12.11
C GLU A 1 -21.62 -10.51 -11.76
N LEU A 2 -22.31 -10.60 -10.64
CA LEU A 2 -23.17 -9.52 -10.16
C LEU A 2 -22.31 -8.42 -9.58
N VAL A 3 -22.14 -7.35 -10.35
CA VAL A 3 -21.29 -6.25 -9.92
C VAL A 3 -21.88 -5.35 -8.83
N MET A 4 -21.05 -5.06 -7.83
CA MET A 4 -21.43 -4.17 -6.74
C MET A 4 -20.54 -2.94 -6.95
N THR A 5 -21.15 -1.85 -7.42
CA THR A 5 -20.41 -0.61 -7.68
C THR A 5 -20.44 0.28 -6.45
N GLN A 6 -19.28 0.45 -5.83
CA GLN A 6 -19.17 1.23 -4.61
C GLN A 6 -18.56 2.62 -4.81
N THR A 7 -19.20 3.60 -4.20
CA THR A 7 -18.76 5.00 -4.26
C THR A 7 -18.95 5.67 -2.90
N PRO A 8 -18.08 6.63 -2.56
CA PRO A 8 -16.96 7.09 -3.38
C PRO A 8 -15.75 6.19 -3.11
N LYS A 9 -14.70 6.33 -3.89
CA LYS A 9 -13.50 5.52 -3.70
C LYS A 9 -12.73 6.01 -2.48
N PHE A 10 -12.75 7.33 -2.28
CA PHE A 10 -12.05 7.95 -1.16
C PHE A 10 -12.87 9.13 -0.65
N MET A 11 -12.76 9.43 0.64
CA MET A 11 -13.49 10.54 1.20
C MET A 11 -12.88 11.01 2.51
N SER A 12 -12.95 12.31 2.75
CA SER A 12 -12.41 12.90 3.98
C SER A 12 -13.53 13.43 4.86
N THR A 13 -13.35 13.29 6.16
CA THR A 13 -14.36 13.75 7.10
C THR A 13 -13.72 14.25 8.39
N SER A 14 -14.53 14.84 9.27
CA SER A 14 -14.03 15.34 10.54
C SER A 14 -14.72 14.61 11.67
N VAL A 15 -14.05 14.53 12.82
CA VAL A 15 -14.63 13.85 13.97
C VAL A 15 -15.96 14.51 14.32
N GLY A 16 -16.98 13.68 14.51
CA GLY A 16 -18.29 14.19 14.85
C GLY A 16 -19.23 14.30 13.66
N ASP A 17 -18.68 14.22 12.45
CA ASP A 17 -19.50 14.30 11.25
C ASP A 17 -20.04 12.95 10.81
N ARG A 18 -20.89 12.97 9.79
CA ARG A 18 -21.51 11.76 9.26
C ARG A 18 -20.90 11.38 7.91
N VAL A 19 -20.79 10.06 7.69
CA VAL A 19 -20.24 9.55 6.44
C VAL A 19 -21.24 8.61 5.78
N SER A 20 -21.42 8.76 4.46
CA SER A 20 -22.34 7.91 3.72
C SER A 20 -21.62 7.24 2.55
N ILE A 21 -21.73 5.92 2.49
CA ILE A 21 -21.08 5.13 1.44
C ILE A 21 -22.17 4.36 0.69
N THR A 22 -22.08 4.37 -0.64
CA THR A 22 -23.07 3.73 -1.50
C THR A 22 -22.59 2.55 -2.33
N CYS A 23 -23.46 1.54 -2.47
CA CYS A 23 -23.16 0.37 -3.28
C CYS A 23 -24.39 0.05 -4.10
N LYS A 24 -24.21 -0.06 -5.41
CA LYS A 24 -25.31 -0.36 -6.32
C LYS A 24 -25.07 -1.67 -7.03
N ALA A 25 -26.06 -2.57 -6.97
CA ALA A 25 -25.96 -3.89 -7.58
C ALA A 25 -26.47 -3.96 -9.01
N SER A 26 -25.81 -4.77 -9.84
CA SER A 26 -26.22 -4.91 -11.24
C SER A 26 -27.46 -5.78 -11.42
N GLN A 27 -27.90 -6.42 -10.33
CA GLN A 27 -29.11 -7.25 -10.30
C GLN A 27 -29.68 -7.11 -8.90
N ASN A 28 -30.97 -7.37 -8.74
CA ASN A 28 -31.61 -7.26 -7.43
C ASN A 28 -31.01 -8.33 -6.51
N VAL A 29 -30.54 -7.91 -5.34
CA VAL A 29 -29.95 -8.84 -4.38
C VAL A 29 -30.74 -8.87 -3.07
N GLY A 30 -31.97 -8.37 -3.12
CA GLY A 30 -32.81 -8.36 -1.93
C GLY A 30 -32.15 -7.57 -0.81
N THR A 31 -31.97 -8.20 0.34
CA THR A 31 -31.31 -7.56 1.47
C THR A 31 -30.10 -8.37 1.87
N ALA A 32 -29.66 -9.26 0.98
CA ALA A 32 -28.51 -10.11 1.25
C ALA A 32 -27.22 -9.33 0.98
N VAL A 33 -27.01 -8.29 1.79
CA VAL A 33 -25.84 -7.43 1.66
C VAL A 33 -25.14 -7.28 3.01
N ALA A 34 -23.82 -7.26 2.96
CA ALA A 34 -23.01 -7.10 4.17
C ALA A 34 -22.00 -5.97 3.96
N TRP A 35 -21.59 -5.34 5.06
CA TRP A 35 -20.61 -4.26 5.04
C TRP A 35 -19.48 -4.62 5.98
N TYR A 36 -18.25 -4.31 5.58
CA TYR A 36 -17.08 -4.63 6.39
C TYR A 36 -16.15 -3.43 6.54
N GLN A 37 -15.38 -3.44 7.62
CA GLN A 37 -14.39 -2.42 7.88
C GLN A 37 -13.03 -3.12 7.81
N GLN A 38 -12.03 -2.48 7.22
CA GLN A 38 -10.71 -3.08 7.16
C GLN A 38 -9.61 -2.03 7.29
N LYS A 39 -8.67 -2.30 8.20
CA LYS A 39 -7.55 -1.41 8.44
C LYS A 39 -6.30 -2.08 7.87
N PRO A 40 -5.30 -1.29 7.47
CA PRO A 40 -4.05 -1.81 6.90
C PRO A 40 -3.39 -2.96 7.66
N GLY A 41 -3.05 -4.01 6.93
CA GLY A 41 -2.40 -5.15 7.54
C GLY A 41 -3.34 -6.07 8.30
N GLN A 42 -4.62 -5.75 8.31
CA GLN A 42 -5.59 -6.57 9.03
C GLN A 42 -6.65 -7.16 8.12
N SER A 43 -7.33 -8.18 8.62
CA SER A 43 -8.40 -8.82 7.88
C SER A 43 -9.68 -8.01 8.08
N PRO A 44 -10.67 -8.19 7.19
CA PRO A 44 -11.92 -7.44 7.32
C PRO A 44 -12.68 -7.80 8.59
N LYS A 45 -13.51 -6.88 9.06
CA LYS A 45 -14.33 -7.10 10.24
C LYS A 45 -15.76 -6.81 9.80
N LEU A 46 -16.69 -7.66 10.25
CA LEU A 46 -18.09 -7.49 9.88
C LEU A 46 -18.80 -6.37 10.63
N LEU A 47 -19.49 -5.51 9.90
CA LEU A 47 -20.22 -4.40 10.50
C LEU A 47 -21.72 -4.62 10.43
N ILE A 48 -22.21 -4.89 9.22
CA ILE A 48 -23.63 -5.09 8.97
C ILE A 48 -23.88 -6.29 8.05
N TYR A 49 -24.99 -6.99 8.28
CA TYR A 49 -25.38 -8.10 7.42
C TYR A 49 -26.89 -7.95 7.22
N SER A 50 -27.43 -8.64 6.22
CA SER A 50 -28.86 -8.56 5.91
C SER A 50 -29.23 -7.10 5.64
N ALA A 51 -28.29 -6.36 5.08
CA ALA A 51 -28.44 -4.96 4.72
C ALA A 51 -28.55 -3.95 5.86
N SER A 52 -29.23 -4.32 6.95
CA SER A 52 -29.41 -3.37 8.06
C SER A 52 -29.20 -3.93 9.47
N ASN A 53 -28.81 -5.21 9.57
CA ASN A 53 -28.61 -5.81 10.88
C ASN A 53 -27.18 -5.58 11.35
N ARG A 54 -27.03 -4.78 12.41
CA ARG A 54 -25.72 -4.49 12.94
C ARG A 54 -25.16 -5.68 13.71
N TYR A 55 -23.96 -6.11 13.33
CA TYR A 55 -23.32 -7.24 13.97
C TYR A 55 -22.99 -6.92 15.42
N THR A 56 -22.96 -7.95 16.24
CA THR A 56 -22.65 -7.80 17.66
C THR A 56 -21.31 -7.11 17.89
N GLY A 57 -21.24 -6.27 18.90
CA GLY A 57 -20.02 -5.56 19.23
C GLY A 57 -19.72 -4.33 18.40
N VAL A 58 -20.50 -4.11 17.35
CA VAL A 58 -20.29 -2.95 16.48
C VAL A 58 -21.01 -1.72 17.04
N PRO A 59 -20.33 -0.57 17.05
CA PRO A 59 -20.91 0.68 17.57
C PRO A 59 -22.21 1.04 16.86
N ASP A 60 -23.19 1.51 17.61
CA ASP A 60 -24.48 1.88 17.04
C ASP A 60 -24.36 3.05 16.06
N ARG A 61 -23.17 3.63 15.97
CA ARG A 61 -22.92 4.73 15.05
C ARG A 61 -22.92 4.24 13.61
N PHE A 62 -22.81 2.93 13.44
CA PHE A 62 -22.83 2.32 12.11
C PHE A 62 -24.22 1.82 11.79
N THR A 63 -24.75 2.25 10.64
CA THR A 63 -26.08 1.84 10.21
C THR A 63 -26.11 1.50 8.73
N GLY A 64 -26.81 0.44 8.40
CA GLY A 64 -26.94 0.04 7.01
C GLY A 64 -28.38 0.11 6.56
N SER A 65 -28.59 0.44 5.30
CA SER A 65 -29.94 0.52 4.76
C SER A 65 -29.96 0.14 3.29
N GLY A 66 -31.17 -0.05 2.76
CA GLY A 66 -31.32 -0.41 1.36
C GLY A 66 -32.01 -1.74 1.16
N SER A 67 -32.62 -1.89 -0.02
CA SER A 67 -33.32 -3.12 -0.36
C SER A 67 -33.45 -3.15 -1.86
N GLY A 68 -32.95 -4.22 -2.48
CA GLY A 68 -33.03 -4.33 -3.92
C GLY A 68 -31.69 -4.18 -4.60
N THR A 69 -31.36 -2.96 -4.99
CA THR A 69 -30.09 -2.71 -5.66
C THR A 69 -29.23 -1.61 -5.06
N ASP A 70 -29.84 -0.66 -4.36
CA ASP A 70 -29.08 0.45 -3.78
C ASP A 70 -28.94 0.33 -2.26
N PHE A 71 -27.70 0.20 -1.81
CA PHE A 71 -27.43 0.05 -0.37
C PHE A 71 -26.51 1.14 0.17
N THR A 72 -26.75 1.52 1.42
CA THR A 72 -25.97 2.58 2.04
C THR A 72 -25.43 2.25 3.43
N LEU A 73 -24.16 2.57 3.66
CA LEU A 73 -23.56 2.38 4.97
C LEU A 73 -23.39 3.79 5.50
N THR A 74 -23.96 4.07 6.65
CA THR A 74 -23.86 5.40 7.23
C THR A 74 -23.13 5.36 8.57
N ILE A 75 -22.13 6.23 8.71
CA ILE A 75 -21.38 6.30 9.96
C ILE A 75 -21.66 7.66 10.57
N SER A 76 -22.28 7.67 11.74
CA SER A 76 -22.60 8.91 12.43
C SER A 76 -21.56 9.21 13.50
N ASN A 77 -21.44 10.49 13.85
CA ASN A 77 -20.49 10.93 14.87
C ASN A 77 -19.14 10.25 14.67
N MET A 78 -18.58 10.46 13.48
CA MET A 78 -17.30 9.91 13.08
C MET A 78 -16.23 10.01 14.18
N GLN A 79 -15.51 8.92 14.41
CA GLN A 79 -14.46 8.89 15.41
C GLN A 79 -13.14 8.50 14.74
N SER A 80 -12.02 8.92 15.33
CA SER A 80 -10.72 8.62 14.74
C SER A 80 -10.50 7.13 14.47
N GLU A 81 -11.07 6.26 15.30
CA GLU A 81 -10.89 4.83 15.09
C GLU A 81 -11.68 4.31 13.89
N ASP A 82 -12.49 5.17 13.29
CA ASP A 82 -13.28 4.77 12.14
C ASP A 82 -12.52 4.99 10.84
N LEU A 83 -11.37 5.63 10.92
CA LEU A 83 -10.56 5.86 9.73
C LEU A 83 -10.10 4.49 9.26
N ALA A 84 -10.49 4.12 8.05
CA ALA A 84 -10.16 2.80 7.51
C ALA A 84 -10.83 2.64 6.17
N ASP A 85 -10.75 1.43 5.62
CA ASP A 85 -11.38 1.10 4.35
C ASP A 85 -12.70 0.41 4.69
N TYR A 86 -13.71 0.61 3.84
CA TYR A 86 -15.01 0.01 4.04
C TYR A 86 -15.46 -0.59 2.72
N PHE A 87 -16.11 -1.75 2.76
CA PHE A 87 -16.59 -2.33 1.51
C PHE A 87 -17.85 -3.16 1.69
N CYS A 88 -18.64 -3.22 0.64
CA CYS A 88 -19.88 -3.98 0.68
C CYS A 88 -19.69 -5.32 0.00
N GLN A 89 -20.70 -6.17 0.12
CA GLN A 89 -20.67 -7.49 -0.46
C GLN A 89 -22.10 -7.98 -0.64
N GLN A 90 -22.37 -8.71 -1.72
CA GLN A 90 -23.70 -9.28 -1.89
C GLN A 90 -23.50 -10.78 -1.81
N TYR A 91 -24.43 -11.48 -1.16
CA TYR A 91 -24.36 -12.92 -1.06
C TYR A 91 -25.73 -13.52 -1.41
N SER A 92 -26.44 -12.80 -2.27
CA SER A 92 -27.74 -13.23 -2.75
C SER A 92 -27.52 -14.33 -3.77
N SER A 93 -26.44 -14.19 -4.54
CA SER A 93 -26.11 -15.15 -5.57
C SER A 93 -24.61 -15.41 -5.66
N TYR A 94 -24.26 -16.63 -6.08
CA TYR A 94 -22.87 -17.01 -6.25
C TYR A 94 -22.53 -16.76 -7.71
N PRO A 95 -21.29 -16.35 -8.01
CA PRO A 95 -20.23 -16.09 -7.03
C PRO A 95 -20.48 -14.85 -6.20
N LEU A 96 -20.10 -14.89 -4.92
CA LEU A 96 -20.28 -13.73 -4.07
C LEU A 96 -19.40 -12.63 -4.66
N THR A 97 -19.82 -11.38 -4.52
CA THR A 97 -19.05 -10.27 -5.07
C THR A 97 -18.96 -9.12 -4.06
N PHE A 98 -17.89 -8.34 -4.19
CA PHE A 98 -17.61 -7.22 -3.30
C PHE A 98 -17.48 -5.89 -4.00
N GLY A 99 -17.77 -4.82 -3.25
CA GLY A 99 -17.61 -3.48 -3.77
C GLY A 99 -16.13 -3.20 -3.84
N GLY A 100 -15.75 -2.17 -4.60
CA GLY A 100 -14.35 -1.82 -4.75
C GLY A 100 -13.70 -1.17 -3.55
N GLY A 101 -14.51 -0.80 -2.56
CA GLY A 101 -13.99 -0.19 -1.35
C GLY A 101 -14.03 1.33 -1.31
N THR A 102 -13.98 1.86 -0.08
CA THR A 102 -13.98 3.30 0.16
C THR A 102 -13.00 3.58 1.30
N LYS A 103 -12.01 4.42 1.06
CA LYS A 103 -11.07 4.76 2.13
C LYS A 103 -11.54 6.07 2.78
N VAL A 104 -11.69 6.06 4.09
CA VAL A 104 -12.12 7.24 4.82
C VAL A 104 -10.93 7.85 5.56
N GLU A 105 -10.57 9.08 5.20
CA GLU A 105 -9.45 9.79 5.82
C GLU A 105 -9.96 10.94 6.68
N ILE A 106 -9.08 11.52 7.49
CA ILE A 106 -9.47 12.63 8.34
C ILE A 106 -9.10 13.95 7.67
N LYS A 107 -9.98 14.93 7.76
CA LYS A 107 -9.75 16.23 7.16
C LYS A 107 -8.97 17.16 8.08
N ARG A 108 -8.23 18.07 7.47
CA ARG A 108 -7.47 19.07 8.21
C ARG A 108 -7.28 20.26 7.27
N THR A 109 -6.77 21.36 7.82
CA THR A 109 -6.54 22.57 7.03
C THR A 109 -5.55 22.28 5.90
N VAL A 110 -5.76 22.90 4.75
CA VAL A 110 -4.87 22.71 3.61
C VAL A 110 -3.45 23.09 3.99
N ALA A 111 -2.49 22.28 3.55
CA ALA A 111 -1.08 22.53 3.81
C ALA A 111 -0.31 22.29 2.52
N ALA A 112 0.39 23.32 2.05
CA ALA A 112 1.17 23.20 0.83
C ALA A 112 2.40 22.33 1.09
N PRO A 113 2.83 21.58 0.09
CA PRO A 113 4.01 20.72 0.28
C PRO A 113 5.30 21.54 0.23
N SER A 114 6.30 21.07 0.97
CA SER A 114 7.62 21.69 0.93
C SER A 114 8.30 20.74 -0.05
N VAL A 115 8.87 21.30 -1.12
CA VAL A 115 9.48 20.49 -2.15
C VAL A 115 11.01 20.50 -2.17
N PHE A 116 11.60 19.32 -2.37
CA PHE A 116 13.05 19.18 -2.42
C PHE A 116 13.42 18.27 -3.59
N ILE A 117 14.48 18.63 -4.32
CA ILE A 117 14.93 17.80 -5.43
C ILE A 117 16.33 17.29 -5.15
N PHE A 118 16.58 16.02 -5.47
CA PHE A 118 17.87 15.38 -5.24
C PHE A 118 18.48 14.82 -6.52
N PRO A 119 19.71 15.25 -6.85
CA PRO A 119 20.36 14.72 -8.05
C PRO A 119 20.86 13.31 -7.75
N PRO A 120 21.20 12.54 -8.79
CA PRO A 120 21.69 11.18 -8.56
C PRO A 120 23.08 11.27 -7.96
N SER A 121 23.43 10.28 -7.14
CA SER A 121 24.75 10.25 -6.50
C SER A 121 25.79 9.77 -7.51
N ASP A 122 27.04 10.23 -7.35
CA ASP A 122 28.09 9.79 -8.25
C ASP A 122 28.28 8.29 -8.12
N GLU A 123 28.02 7.79 -6.91
CA GLU A 123 28.15 6.36 -6.64
C GLU A 123 27.19 5.56 -7.53
N GLN A 124 25.96 6.04 -7.66
CA GLN A 124 25.00 5.33 -8.48
C GLN A 124 25.34 5.41 -9.96
N LEU A 125 25.80 6.58 -10.41
CA LEU A 125 26.13 6.76 -11.83
C LEU A 125 27.10 5.70 -12.33
N LYS A 126 27.90 5.14 -11.44
CA LYS A 126 28.85 4.11 -11.82
C LYS A 126 28.11 2.84 -12.25
N SER A 127 26.82 2.77 -11.95
CA SER A 127 26.00 1.61 -12.30
C SER A 127 25.33 1.73 -13.65
N GLY A 128 25.43 2.90 -14.27
CA GLY A 128 24.81 3.10 -15.58
C GLY A 128 23.42 3.66 -15.50
N THR A 129 22.92 3.85 -14.28
CA THR A 129 21.58 4.39 -14.06
C THR A 129 21.65 5.66 -13.23
N ALA A 130 20.67 6.53 -13.43
CA ALA A 130 20.59 7.78 -12.71
C ALA A 130 19.19 7.98 -12.16
N SER A 131 19.07 7.99 -10.83
CA SER A 131 17.77 8.20 -10.20
C SER A 131 17.71 9.62 -9.68
N VAL A 132 16.73 10.40 -10.13
CA VAL A 132 16.54 11.77 -9.67
C VAL A 132 15.30 11.70 -8.78
N VAL A 133 15.38 12.24 -7.58
CA VAL A 133 14.26 12.18 -6.66
C VAL A 133 13.67 13.53 -6.28
N CYS A 134 12.34 13.57 -6.19
CA CYS A 134 11.64 14.78 -5.79
C CYS A 134 10.80 14.42 -4.58
N LEU A 135 10.95 15.20 -3.50
CA LEU A 135 10.20 14.99 -2.27
C LEU A 135 9.17 16.09 -2.05
N LEU A 136 7.94 15.68 -1.76
CA LEU A 136 6.85 16.60 -1.44
C LEU A 136 6.57 16.26 0.02
N ASN A 137 6.89 17.19 0.91
CA ASN A 137 6.76 16.95 2.34
C ASN A 137 5.62 17.61 3.12
N ASN A 138 4.98 16.80 3.97
CA ASN A 138 3.89 17.22 4.84
C ASN A 138 2.84 18.14 4.24
N PHE A 139 2.05 17.60 3.32
CA PHE A 139 1.01 18.38 2.65
C PHE A 139 -0.37 17.78 2.85
N TYR A 140 -1.39 18.57 2.56
CA TYR A 140 -2.78 18.14 2.65
C TYR A 140 -3.63 19.08 1.79
N PRO A 141 -4.57 18.53 1.02
CA PRO A 141 -4.95 17.12 0.86
C PRO A 141 -3.93 16.26 0.13
N ARG A 142 -4.24 14.98 0.02
CA ARG A 142 -3.37 13.99 -0.61
C ARG A 142 -3.11 14.23 -2.10
N GLU A 143 -4.09 14.80 -2.81
CA GLU A 143 -3.95 15.06 -4.23
C GLU A 143 -2.78 16.02 -4.52
N ALA A 144 -1.90 15.59 -5.42
CA ALA A 144 -0.74 16.39 -5.80
C ALA A 144 -0.29 15.94 -7.17
N LYS A 145 0.29 16.86 -7.93
CA LYS A 145 0.77 16.52 -9.26
C LYS A 145 2.24 16.90 -9.41
N VAL A 146 3.05 15.91 -9.78
CA VAL A 146 4.46 16.12 -10.00
C VAL A 146 4.77 15.92 -11.48
N GLN A 147 5.40 16.91 -12.09
CA GLN A 147 5.79 16.81 -13.49
C GLN A 147 7.29 16.99 -13.59
N TRP A 148 7.96 16.01 -14.18
CA TRP A 148 9.40 16.07 -14.36
C TRP A 148 9.72 16.71 -15.69
N LYS A 149 10.77 17.53 -15.71
CA LYS A 149 11.19 18.20 -16.94
C LYS A 149 12.70 18.15 -17.02
N VAL A 150 13.19 17.84 -18.22
CA VAL A 150 14.64 17.77 -18.46
C VAL A 150 14.89 18.72 -19.62
N ASP A 151 15.67 19.76 -19.37
CA ASP A 151 15.94 20.78 -20.39
C ASP A 151 14.60 21.31 -20.87
N ASN A 152 13.67 21.40 -19.92
CA ASN A 152 12.31 21.89 -20.14
C ASN A 152 11.38 21.01 -20.95
N ALA A 153 11.84 19.81 -21.29
CA ALA A 153 11.02 18.85 -22.01
C ALA A 153 10.29 18.00 -20.99
N LEU A 154 8.98 17.86 -21.17
CA LEU A 154 8.14 17.09 -20.26
C LEU A 154 8.46 15.61 -20.32
N GLN A 155 8.67 15.01 -19.15
CA GLN A 155 8.97 13.58 -19.07
C GLN A 155 7.68 12.80 -18.88
N SER A 156 7.63 11.62 -19.48
CA SER A 156 6.46 10.76 -19.38
C SER A 156 6.84 9.29 -19.31
N GLY A 157 6.24 8.59 -18.36
CA GLY A 157 6.47 7.16 -18.21
C GLY A 157 7.73 6.68 -17.54
N ASN A 158 8.64 7.58 -17.19
CA ASN A 158 9.89 7.18 -16.56
C ASN A 158 10.01 7.58 -15.09
N SER A 159 8.87 7.73 -14.42
CA SER A 159 8.87 8.07 -13.00
C SER A 159 7.89 7.19 -12.24
N GLN A 160 8.20 6.95 -10.97
CA GLN A 160 7.36 6.16 -10.09
C GLN A 160 7.22 6.94 -8.79
N GLU A 161 6.02 6.94 -8.21
CA GLU A 161 5.82 7.65 -6.96
C GLU A 161 5.27 6.75 -5.87
N SER A 162 5.47 7.20 -4.63
CA SER A 162 5.05 6.49 -3.42
C SER A 162 4.50 7.55 -2.46
N VAL A 163 3.41 7.24 -1.76
CA VAL A 163 2.82 8.18 -0.82
C VAL A 163 2.64 7.53 0.55
N THR A 164 2.96 8.27 1.60
CA THR A 164 2.82 7.75 2.96
C THR A 164 1.36 7.80 3.41
N GLU A 165 1.08 7.12 4.52
CA GLU A 165 -0.25 7.13 5.09
C GLU A 165 -0.34 8.42 5.90
N GLN A 166 -1.56 8.86 6.16
CA GLN A 166 -1.77 10.09 6.90
C GLN A 166 -0.98 10.08 8.21
N ASP A 167 -0.22 11.14 8.45
CA ASP A 167 0.58 11.23 9.66
C ASP A 167 -0.30 11.25 10.90
N SER A 168 0.08 10.43 11.89
CA SER A 168 -0.67 10.31 13.13
C SER A 168 -0.76 11.60 13.94
N LYS A 169 0.27 12.44 13.86
CA LYS A 169 0.27 13.67 14.61
C LYS A 169 -0.25 14.92 13.90
N ASP A 170 0.08 15.10 12.62
CA ASP A 170 -0.39 16.30 11.93
C ASP A 170 -1.33 16.05 10.75
N SER A 171 -1.67 14.78 10.53
CA SER A 171 -2.60 14.38 9.47
C SER A 171 -2.21 14.74 8.04
N THR A 172 -0.92 14.97 7.78
CA THR A 172 -0.46 15.30 6.44
C THR A 172 0.05 14.06 5.72
N TYR A 173 0.37 14.23 4.44
CA TYR A 173 0.91 13.17 3.60
C TYR A 173 2.25 13.68 3.07
N SER A 174 3.05 12.74 2.59
CA SER A 174 4.33 13.06 1.99
C SER A 174 4.45 12.11 0.82
N LEU A 175 5.10 12.54 -0.26
CA LEU A 175 5.25 11.68 -1.42
C LEU A 175 6.63 11.84 -2.01
N SER A 176 7.08 10.76 -2.62
CA SER A 176 8.38 10.71 -3.26
C SER A 176 8.18 10.30 -4.70
N SER A 177 8.84 10.98 -5.61
CA SER A 177 8.77 10.64 -7.03
C SER A 177 10.19 10.42 -7.49
N THR A 178 10.44 9.28 -8.13
CA THR A 178 11.76 8.96 -8.61
C THR A 178 11.76 8.87 -10.13
N LEU A 179 12.61 9.67 -10.76
CA LEU A 179 12.75 9.70 -12.21
C LEU A 179 13.94 8.81 -12.55
N THR A 180 13.73 7.82 -13.41
CA THR A 180 14.80 6.90 -13.80
C THR A 180 15.33 7.22 -15.20
N LEU A 181 16.61 7.58 -15.26
CA LEU A 181 17.25 7.90 -16.54
C LEU A 181 18.52 7.07 -16.69
N SER A 182 18.92 6.85 -17.94
CA SER A 182 20.16 6.10 -18.18
C SER A 182 21.25 7.11 -17.88
N LYS A 183 22.46 6.63 -17.57
CA LYS A 183 23.54 7.54 -17.28
C LYS A 183 23.80 8.45 -18.49
N ALA A 184 23.79 7.85 -19.68
CA ALA A 184 24.02 8.62 -20.90
C ALA A 184 23.02 9.76 -21.05
N ASP A 185 21.74 9.48 -20.81
CA ASP A 185 20.71 10.50 -20.93
C ASP A 185 20.95 11.61 -19.91
N TYR A 186 21.27 11.21 -18.68
CA TYR A 186 21.52 12.19 -17.63
C TYR A 186 22.70 13.09 -17.97
N GLU A 187 23.78 12.49 -18.48
CA GLU A 187 24.97 13.26 -18.83
C GLU A 187 24.78 14.15 -20.06
N LYS A 188 23.80 13.82 -20.89
CA LYS A 188 23.55 14.58 -22.10
C LYS A 188 22.78 15.88 -21.85
N HIS A 189 21.95 15.89 -20.82
CA HIS A 189 21.16 17.08 -20.52
C HIS A 189 21.65 17.87 -19.31
N LYS A 190 21.15 19.09 -19.19
CA LYS A 190 21.60 20.00 -18.13
C LYS A 190 20.62 20.38 -17.01
N VAL A 191 19.45 20.88 -17.40
CA VAL A 191 18.45 21.35 -16.44
C VAL A 191 17.44 20.29 -16.01
N TYR A 192 17.44 19.98 -14.71
CA TYR A 192 16.53 19.00 -14.16
C TYR A 192 15.57 19.68 -13.20
N ALA A 193 14.27 19.50 -13.45
CA ALA A 193 13.27 20.16 -12.63
C ALA A 193 12.07 19.31 -12.26
N CYS A 194 11.55 19.57 -11.07
CA CYS A 194 10.37 18.90 -10.54
C CYS A 194 9.32 19.99 -10.35
N GLU A 195 8.23 19.92 -11.12
CA GLU A 195 7.16 20.91 -11.01
C GLU A 195 6.02 20.33 -10.20
N VAL A 196 5.62 21.04 -9.15
CA VAL A 196 4.56 20.58 -8.29
C VAL A 196 3.32 21.48 -8.24
N THR A 197 2.16 20.86 -8.39
CA THR A 197 0.89 21.58 -8.31
C THR A 197 0.13 20.95 -7.14
N HIS A 198 -0.59 21.79 -6.40
CA HIS A 198 -1.31 21.33 -5.23
C HIS A 198 -2.28 22.43 -4.80
N GLN A 199 -3.39 22.02 -4.19
CA GLN A 199 -4.41 22.95 -3.72
C GLN A 199 -3.83 24.09 -2.88
N GLY A 200 -2.80 23.78 -2.09
CA GLY A 200 -2.20 24.78 -1.23
C GLY A 200 -1.21 25.74 -1.87
N LEU A 201 -0.91 25.53 -3.14
CA LEU A 201 0.05 26.39 -3.84
C LEU A 201 -0.66 27.36 -4.79
N SER A 202 -0.50 28.66 -4.54
CA SER A 202 -1.11 29.69 -5.37
C SER A 202 -0.66 29.52 -6.82
N SER A 203 0.61 29.17 -6.98
CA SER A 203 1.20 28.95 -8.29
C SER A 203 2.09 27.72 -8.20
N PRO A 204 2.33 27.03 -9.33
CA PRO A 204 3.18 25.83 -9.30
C PRO A 204 4.56 26.10 -8.73
N VAL A 205 5.08 25.15 -7.97
CA VAL A 205 6.41 25.29 -7.38
C VAL A 205 7.35 24.36 -8.14
N THR A 206 8.44 24.92 -8.64
CA THR A 206 9.41 24.12 -9.37
C THR A 206 10.76 24.16 -8.68
N LYS A 207 11.30 22.98 -8.35
CA LYS A 207 12.63 22.89 -7.76
C LYS A 207 13.50 22.36 -8.87
N SER A 208 14.69 22.93 -9.02
CA SER A 208 15.55 22.50 -10.10
C SER A 208 17.04 22.58 -9.79
N PHE A 209 17.83 21.87 -10.57
CA PHE A 209 19.27 21.89 -10.43
C PHE A 209 19.87 21.66 -11.81
N ASN A 210 21.10 22.11 -12.00
CA ASN A 210 21.79 21.93 -13.26
C ASN A 210 22.90 20.90 -13.01
N ARG A 211 23.04 19.93 -13.91
CA ARG A 211 24.08 18.93 -13.76
C ARG A 211 25.42 19.58 -14.02
N GLY A 212 26.39 19.34 -13.15
CA GLY A 212 27.71 19.92 -13.32
C GLY A 212 28.74 19.32 -12.38
N GLU A 213 29.35 20.18 -11.55
CA GLU A 213 30.37 19.77 -10.60
C GLU A 213 31.63 19.30 -11.31
N GLN B 1 -13.05 -18.14 20.93
CA GLN B 1 -14.13 -18.56 19.98
C GLN B 1 -13.55 -19.07 18.67
N VAL B 2 -14.25 -18.84 17.57
CA VAL B 2 -13.80 -19.28 16.25
C VAL B 2 -12.48 -18.63 15.88
N GLN B 3 -11.52 -19.45 15.48
CA GLN B 3 -10.20 -18.97 15.07
C GLN B 3 -9.78 -19.66 13.77
N LEU B 4 -9.22 -18.90 12.84
CA LEU B 4 -8.75 -19.42 11.57
C LEU B 4 -7.31 -18.96 11.38
N LEU B 5 -6.39 -19.93 11.32
CA LEU B 5 -4.96 -19.63 11.18
C LEU B 5 -4.36 -19.97 9.81
N GLU B 6 -3.81 -18.96 9.16
CA GLU B 6 -3.16 -19.13 7.86
C GLU B 6 -1.64 -18.96 8.03
N SER B 7 -0.88 -19.14 6.95
CA SER B 7 0.57 -18.96 7.02
C SER B 7 0.86 -17.47 6.85
N GLY B 8 2.14 -17.11 6.77
CA GLY B 8 2.48 -15.71 6.63
C GLY B 8 2.66 -15.18 5.21
N ALA B 9 3.87 -15.30 4.70
CA ALA B 9 4.19 -14.85 3.35
C ALA B 9 4.89 -15.95 2.60
N GLU B 10 4.63 -16.02 1.29
CA GLU B 10 5.23 -17.05 0.46
C GLU B 10 5.65 -16.47 -0.88
N LEU B 11 6.88 -16.77 -1.27
CA LEU B 11 7.43 -16.32 -2.56
C LEU B 11 7.38 -17.54 -3.46
N VAL B 12 6.92 -17.37 -4.69
CA VAL B 12 6.84 -18.48 -5.62
C VAL B 12 7.16 -18.00 -7.03
N LYS B 13 7.71 -18.88 -7.84
CA LYS B 13 8.06 -18.54 -9.21
C LYS B 13 6.90 -18.76 -10.16
N PRO B 14 6.86 -18.01 -11.28
CA PRO B 14 5.78 -18.17 -12.24
C PRO B 14 5.76 -19.61 -12.73
N GLY B 15 4.57 -20.14 -13.00
CA GLY B 15 4.48 -21.52 -13.47
C GLY B 15 4.40 -22.53 -12.35
N ALA B 16 4.82 -22.15 -11.16
CA ALA B 16 4.78 -23.04 -10.01
C ALA B 16 3.40 -23.03 -9.38
N SER B 17 3.28 -23.74 -8.26
CA SER B 17 2.02 -23.81 -7.53
C SER B 17 2.28 -23.59 -6.05
N VAL B 18 1.24 -23.18 -5.33
CA VAL B 18 1.37 -22.97 -3.89
C VAL B 18 0.13 -23.54 -3.22
N LYS B 19 0.29 -24.09 -2.02
CA LYS B 19 -0.82 -24.67 -1.28
C LYS B 19 -0.95 -23.95 0.05
N LEU B 20 -1.97 -23.11 0.17
CA LEU B 20 -2.19 -22.34 1.39
C LEU B 20 -3.04 -23.10 2.39
N SER B 21 -2.68 -22.99 3.66
CA SER B 21 -3.39 -23.66 4.74
C SER B 21 -4.22 -22.72 5.61
N CYS B 22 -5.27 -23.28 6.20
CA CYS B 22 -6.16 -22.54 7.09
C CYS B 22 -6.58 -23.49 8.19
N LYS B 23 -5.92 -23.38 9.34
CA LYS B 23 -6.19 -24.22 10.49
C LYS B 23 -7.31 -23.63 11.33
N ALA B 24 -8.41 -24.37 11.44
CA ALA B 24 -9.57 -23.91 12.18
C ALA B 24 -9.63 -24.43 13.62
N SER B 25 -10.27 -23.63 14.47
CA SER B 25 -10.44 -24.00 15.87
C SER B 25 -11.63 -23.23 16.45
N GLY B 26 -12.13 -23.71 17.59
CA GLY B 26 -13.24 -23.05 18.25
C GLY B 26 -14.63 -23.47 17.78
N TYR B 27 -14.69 -24.45 16.89
CA TYR B 27 -15.96 -24.92 16.38
C TYR B 27 -15.80 -26.27 15.68
N THR B 28 -16.91 -26.92 15.36
CA THR B 28 -16.85 -28.20 14.69
C THR B 28 -16.54 -27.96 13.22
N PHE B 29 -15.27 -28.14 12.89
CA PHE B 29 -14.75 -27.94 11.56
C PHE B 29 -15.62 -28.46 10.42
N THR B 30 -16.05 -29.71 10.53
CA THR B 30 -16.87 -30.33 9.50
C THR B 30 -18.23 -29.66 9.35
N SER B 31 -18.64 -28.94 10.39
CA SER B 31 -19.89 -28.20 10.33
C SER B 31 -19.35 -26.85 9.86
N TYR B 32 -20.03 -26.22 8.90
CA TYR B 32 -19.63 -24.91 8.38
C TYR B 32 -18.77 -24.90 7.14
N TRP B 33 -19.31 -24.30 6.09
CA TRP B 33 -18.61 -24.15 4.83
C TRP B 33 -17.42 -23.23 5.05
N MET B 34 -16.32 -23.49 4.36
CA MET B 34 -15.14 -22.64 4.47
C MET B 34 -15.02 -21.94 3.11
N HIS B 35 -14.93 -20.62 3.13
CA HIS B 35 -14.83 -19.83 1.92
C HIS B 35 -13.44 -19.24 1.77
N TRP B 36 -13.04 -18.95 0.54
CA TRP B 36 -11.74 -18.35 0.28
C TRP B 36 -11.91 -17.10 -0.55
N VAL B 37 -11.14 -16.07 -0.19
CA VAL B 37 -11.20 -14.78 -0.85
C VAL B 37 -9.80 -14.25 -1.21
N LYS B 38 -9.73 -13.51 -2.30
CA LYS B 38 -8.49 -12.94 -2.81
C LYS B 38 -8.54 -11.41 -2.74
N GLN B 39 -7.45 -10.78 -2.30
CA GLN B 39 -7.39 -9.33 -2.22
C GLN B 39 -6.08 -8.76 -2.76
N ARG B 40 -6.19 -8.00 -3.85
CA ARG B 40 -5.02 -7.36 -4.44
C ARG B 40 -5.02 -5.90 -4.03
N PRO B 41 -3.83 -5.30 -3.89
CA PRO B 41 -3.71 -3.90 -3.49
C PRO B 41 -4.71 -3.00 -4.22
N GLY B 42 -5.64 -2.43 -3.46
CA GLY B 42 -6.65 -1.56 -4.04
C GLY B 42 -7.24 -2.12 -5.32
N ARG B 43 -7.83 -3.31 -5.22
CA ARG B 43 -8.43 -3.96 -6.39
C ARG B 43 -9.76 -4.64 -6.09
N GLY B 44 -10.33 -4.37 -4.92
CA GLY B 44 -11.60 -4.99 -4.57
C GLY B 44 -11.48 -6.49 -4.40
N LEU B 45 -12.00 -6.99 -3.28
CA LEU B 45 -11.95 -8.42 -2.97
C LEU B 45 -12.70 -9.28 -3.99
N GLU B 46 -12.24 -10.52 -4.15
CA GLU B 46 -12.88 -11.47 -5.06
C GLU B 46 -13.12 -12.78 -4.34
N TRP B 47 -14.30 -13.35 -4.53
CA TRP B 47 -14.65 -14.62 -3.91
C TRP B 47 -14.15 -15.72 -4.83
N ILE B 48 -13.36 -16.64 -4.28
CA ILE B 48 -12.78 -17.74 -5.06
C ILE B 48 -13.67 -18.98 -5.07
N GLY B 49 -14.14 -19.38 -3.89
CA GLY B 49 -14.99 -20.56 -3.82
C GLY B 49 -15.22 -20.98 -2.39
N ARG B 50 -15.90 -22.11 -2.20
CA ARG B 50 -16.17 -22.61 -0.86
C ARG B 50 -16.14 -24.12 -0.84
N ILE B 51 -15.89 -24.67 0.33
CA ILE B 51 -15.83 -26.12 0.49
C ILE B 51 -16.56 -26.59 1.75
N ASP B 52 -17.25 -27.73 1.61
CA ASP B 52 -18.00 -28.38 2.68
C ASP B 52 -17.02 -29.41 3.25
N PRO B 53 -16.42 -29.14 4.42
CA PRO B 53 -15.47 -30.09 4.99
C PRO B 53 -16.01 -31.49 5.29
N ASN B 54 -17.31 -31.59 5.53
CA ASN B 54 -17.92 -32.88 5.85
C ASN B 54 -17.97 -33.82 4.65
N SER B 55 -18.44 -33.30 3.52
CA SER B 55 -18.57 -34.09 2.30
C SER B 55 -17.39 -33.90 1.36
N GLY B 56 -16.73 -32.75 1.48
CA GLY B 56 -15.61 -32.44 0.61
C GLY B 56 -16.14 -31.71 -0.60
N GLY B 57 -17.46 -31.52 -0.65
CA GLY B 57 -18.08 -30.83 -1.77
C GLY B 57 -17.56 -29.42 -1.95
N THR B 58 -17.41 -29.00 -3.20
CA THR B 58 -16.90 -27.66 -3.49
C THR B 58 -17.69 -26.92 -4.56
N LYS B 59 -17.57 -25.60 -4.54
CA LYS B 59 -18.22 -24.72 -5.51
C LYS B 59 -17.22 -23.61 -5.80
N TYR B 60 -17.03 -23.30 -7.08
CA TYR B 60 -16.07 -22.27 -7.46
C TYR B 60 -16.60 -21.12 -8.28
N ASN B 61 -15.88 -20.00 -8.19
CA ASN B 61 -16.19 -18.82 -8.98
C ASN B 61 -15.63 -19.29 -10.32
N GLU B 62 -16.42 -19.17 -11.41
CA GLU B 62 -15.93 -19.62 -12.71
C GLU B 62 -14.58 -19.00 -13.05
N LYS B 63 -14.33 -17.80 -12.54
CA LYS B 63 -13.09 -17.10 -12.80
C LYS B 63 -11.87 -17.81 -12.23
N PHE B 64 -12.07 -18.60 -11.17
CA PHE B 64 -10.96 -19.31 -10.55
C PHE B 64 -11.04 -20.82 -10.73
N LYS B 65 -11.98 -21.28 -11.54
CA LYS B 65 -12.18 -22.70 -11.78
C LYS B 65 -10.94 -23.46 -12.25
N SER B 66 -10.11 -22.83 -13.07
CA SER B 66 -8.92 -23.50 -13.58
C SER B 66 -7.64 -23.12 -12.86
N LYS B 67 -7.76 -22.44 -11.73
CA LYS B 67 -6.58 -22.01 -10.99
C LYS B 67 -6.56 -22.45 -9.53
N ALA B 68 -7.74 -22.52 -8.92
CA ALA B 68 -7.81 -22.90 -7.51
C ALA B 68 -8.45 -24.26 -7.28
N THR B 69 -7.91 -24.99 -6.31
CA THR B 69 -8.43 -26.29 -5.93
C THR B 69 -8.52 -26.32 -4.41
N LEU B 70 -9.75 -26.45 -3.91
CA LEU B 70 -9.98 -26.50 -2.49
C LEU B 70 -10.05 -27.93 -1.98
N THR B 71 -9.42 -28.18 -0.84
CA THR B 71 -9.44 -29.49 -0.22
C THR B 71 -9.45 -29.29 1.29
N VAL B 72 -9.57 -30.39 2.02
CA VAL B 72 -9.59 -30.34 3.45
C VAL B 72 -8.97 -31.58 4.06
N ASP B 73 -8.51 -31.45 5.30
CA ASP B 73 -7.96 -32.57 6.03
C ASP B 73 -8.71 -32.61 7.35
N LYS B 74 -9.71 -33.48 7.42
CA LYS B 74 -10.53 -33.60 8.63
C LYS B 74 -9.73 -33.87 9.90
N PRO B 75 -8.81 -34.86 9.87
CA PRO B 75 -8.02 -35.16 11.06
C PRO B 75 -7.35 -33.94 11.71
N SER B 76 -6.87 -33.02 10.88
CA SER B 76 -6.19 -31.84 11.39
C SER B 76 -7.04 -30.57 11.33
N SER B 77 -8.33 -30.73 11.04
CA SER B 77 -9.23 -29.57 10.96
C SER B 77 -8.57 -28.44 10.18
N THR B 78 -8.04 -28.76 9.01
CA THR B 78 -7.37 -27.77 8.18
C THR B 78 -7.91 -27.73 6.76
N ALA B 79 -8.14 -26.53 6.25
CA ALA B 79 -8.63 -26.34 4.89
C ALA B 79 -7.44 -25.86 4.06
N TYR B 80 -7.38 -26.29 2.81
CA TYR B 80 -6.29 -25.94 1.92
C TYR B 80 -6.76 -25.40 0.58
N MET B 81 -6.01 -24.47 0.02
CA MET B 81 -6.32 -23.95 -1.30
C MET B 81 -5.06 -23.98 -2.14
N GLN B 82 -5.09 -24.75 -3.22
CA GLN B 82 -3.94 -24.85 -4.09
C GLN B 82 -4.14 -23.99 -5.32
N LEU B 83 -3.17 -23.11 -5.58
CA LEU B 83 -3.21 -22.23 -6.75
C LEU B 83 -2.16 -22.76 -7.72
N SER B 84 -2.57 -23.04 -8.95
CA SER B 84 -1.68 -23.59 -9.96
C SER B 84 -1.21 -22.61 -11.05
N SER B 85 -0.22 -23.03 -11.82
CA SER B 85 0.33 -22.24 -12.92
C SER B 85 0.33 -20.76 -12.58
N LEU B 86 1.04 -20.42 -11.52
CA LEU B 86 1.10 -19.05 -11.02
C LEU B 86 1.64 -17.99 -11.98
N THR B 87 1.05 -16.81 -11.91
CA THR B 87 1.46 -15.67 -12.72
C THR B 87 1.46 -14.44 -11.80
N SER B 88 1.98 -13.31 -12.29
CA SER B 88 2.05 -12.11 -11.48
C SER B 88 0.68 -11.67 -10.94
N GLU B 89 -0.37 -11.96 -11.71
CA GLU B 89 -1.72 -11.58 -11.32
C GLU B 89 -2.22 -12.36 -10.11
N ASP B 90 -1.55 -13.46 -9.79
CA ASP B 90 -1.95 -14.27 -8.64
C ASP B 90 -1.34 -13.75 -7.35
N SER B 91 -0.47 -12.74 -7.47
CA SER B 91 0.15 -12.15 -6.28
C SER B 91 -0.98 -11.40 -5.58
N ALA B 92 -1.19 -11.72 -4.30
CA ALA B 92 -2.25 -11.08 -3.53
C ALA B 92 -2.27 -11.63 -2.12
N VAL B 93 -3.20 -11.12 -1.32
CA VAL B 93 -3.39 -11.60 0.04
C VAL B 93 -4.62 -12.50 -0.06
N TYR B 94 -4.49 -13.73 0.41
CA TYR B 94 -5.60 -14.67 0.36
C TYR B 94 -6.13 -14.96 1.76
N TYR B 95 -7.45 -15.03 1.88
CA TYR B 95 -8.09 -15.28 3.17
C TYR B 95 -9.05 -16.45 3.14
N CYS B 96 -9.20 -17.11 4.28
CA CYS B 96 -10.22 -18.14 4.42
C CYS B 96 -11.20 -17.44 5.34
N THR B 97 -12.48 -17.71 5.17
CA THR B 97 -13.51 -17.06 5.98
C THR B 97 -14.82 -17.83 5.73
N ARG B 98 -15.95 -17.18 5.97
CA ARG B 98 -17.26 -17.80 5.72
C ARG B 98 -18.02 -16.91 4.73
N ARG B 99 -19.30 -17.21 4.47
CA ARG B 99 -20.10 -16.44 3.51
C ARG B 99 -20.08 -14.93 3.73
N ASP B 100 -20.53 -14.49 4.91
CA ASP B 100 -20.54 -13.08 5.29
C ASP B 100 -20.35 -13.19 6.78
N SER B 101 -19.08 -13.12 7.19
CA SER B 101 -18.73 -13.36 8.57
C SER B 101 -17.71 -12.43 9.20
N ASP B 102 -17.60 -12.51 10.51
CA ASP B 102 -16.61 -11.72 11.23
C ASP B 102 -15.39 -12.60 11.44
N TYR B 103 -15.48 -13.86 11.02
CA TYR B 103 -14.38 -14.80 11.19
C TYR B 103 -13.52 -14.87 9.93
N TRP B 104 -12.29 -14.37 10.04
CA TRP B 104 -11.37 -14.36 8.92
C TRP B 104 -9.97 -14.79 9.35
N GLY B 105 -9.24 -15.39 8.42
CA GLY B 105 -7.87 -15.75 8.71
C GLY B 105 -7.15 -14.42 8.64
N ALA B 106 -5.91 -14.35 9.13
CA ALA B 106 -5.17 -13.08 9.10
C ALA B 106 -4.71 -12.75 7.69
N GLY B 107 -4.77 -13.73 6.80
CA GLY B 107 -4.38 -13.54 5.43
C GLY B 107 -2.96 -13.95 5.15
N THR B 108 -2.76 -14.63 4.02
CA THR B 108 -1.45 -15.08 3.60
C THR B 108 -1.10 -14.33 2.32
N THR B 109 0.09 -13.73 2.31
CA THR B 109 0.53 -12.96 1.16
C THR B 109 1.39 -13.77 0.21
N VAL B 110 0.91 -13.95 -1.01
CA VAL B 110 1.65 -14.69 -2.03
C VAL B 110 2.27 -13.69 -3.01
N THR B 111 3.57 -13.82 -3.24
CA THR B 111 4.26 -12.95 -4.18
C THR B 111 4.83 -13.84 -5.27
N VAL B 112 4.37 -13.65 -6.50
CA VAL B 112 4.84 -14.45 -7.63
C VAL B 112 5.89 -13.64 -8.39
N SER B 113 7.11 -14.17 -8.42
CA SER B 113 8.22 -13.49 -9.09
C SER B 113 9.35 -14.45 -9.47
N SER B 114 10.07 -14.10 -10.53
CA SER B 114 11.19 -14.92 -10.99
C SER B 114 12.50 -14.38 -10.44
N ALA B 115 12.42 -13.27 -9.71
CA ALA B 115 13.61 -12.63 -9.15
C ALA B 115 14.32 -13.47 -8.09
N SER B 116 15.62 -13.21 -7.95
CA SER B 116 16.45 -13.92 -6.97
C SER B 116 16.77 -12.99 -5.82
N THR B 117 17.06 -13.58 -4.66
CA THR B 117 17.38 -12.81 -3.47
C THR B 117 18.54 -11.84 -3.75
N LYS B 118 18.33 -10.57 -3.40
CA LYS B 118 19.35 -9.57 -3.64
C LYS B 118 19.29 -8.45 -2.61
N GLY B 119 20.43 -8.14 -2.00
CA GLY B 119 20.48 -7.07 -1.02
C GLY B 119 20.42 -5.74 -1.75
N PRO B 120 20.00 -4.67 -1.07
CA PRO B 120 19.91 -3.36 -1.73
C PRO B 120 21.20 -2.56 -1.82
N SER B 121 21.19 -1.62 -2.75
CA SER B 121 22.29 -0.68 -2.94
C SER B 121 21.70 0.54 -2.25
N VAL B 122 22.48 1.20 -1.41
CA VAL B 122 21.98 2.37 -0.70
C VAL B 122 22.71 3.61 -1.17
N PHE B 123 21.96 4.53 -1.77
CA PHE B 123 22.56 5.77 -2.27
C PHE B 123 22.07 6.95 -1.45
N PRO B 124 22.93 7.96 -1.30
CA PRO B 124 22.54 9.14 -0.52
C PRO B 124 21.68 10.14 -1.28
N LEU B 125 20.74 10.74 -0.57
CA LEU B 125 19.89 11.79 -1.12
C LEU B 125 20.46 12.93 -0.28
N ALA B 126 21.53 13.54 -0.80
CA ALA B 126 22.24 14.61 -0.13
C ALA B 126 21.47 15.90 0.07
N PRO B 127 21.58 16.50 1.27
CA PRO B 127 20.86 17.74 1.55
C PRO B 127 21.28 18.83 0.56
N SER B 128 20.29 19.36 -0.15
CA SER B 128 20.47 20.40 -1.16
C SER B 128 21.91 20.82 -1.38
N SER B 129 22.20 22.08 -1.04
CA SER B 129 23.54 22.65 -1.19
C SER B 129 23.46 24.13 -0.85
N LYS B 130 24.54 24.86 -1.14
CA LYS B 130 24.59 26.29 -0.87
C LYS B 130 23.88 26.64 0.44
N SER B 131 23.02 27.65 0.39
CA SER B 131 22.27 28.07 1.56
C SER B 131 20.85 27.51 1.52
N THR B 132 20.16 27.56 2.65
CA THR B 132 18.80 27.06 2.75
C THR B 132 17.79 28.08 2.24
N SER B 133 16.62 27.62 1.84
CA SER B 133 15.57 28.49 1.32
C SER B 133 14.48 28.69 2.36
N GLY B 134 14.50 27.87 3.41
CA GLY B 134 13.52 27.99 4.47
C GLY B 134 14.03 27.49 5.81
N GLY B 135 15.36 27.51 5.98
CA GLY B 135 15.95 27.06 7.22
C GLY B 135 15.79 25.56 7.44
N THR B 136 15.01 24.92 6.59
CA THR B 136 14.78 23.49 6.71
C THR B 136 15.40 22.75 5.53
N ALA B 137 16.16 21.71 5.84
CA ALA B 137 16.81 20.91 4.82
C ALA B 137 16.21 19.51 4.80
N ALA B 138 16.36 18.83 3.67
CA ALA B 138 15.87 17.47 3.53
C ALA B 138 16.99 16.57 3.04
N LEU B 139 17.08 15.37 3.60
CA LEU B 139 18.08 14.41 3.18
C LEU B 139 17.49 13.04 3.34
N GLY B 140 18.16 12.04 2.78
CA GLY B 140 17.62 10.70 2.88
C GLY B 140 18.51 9.64 2.27
N CYS B 141 17.91 8.46 2.08
CA CYS B 141 18.60 7.32 1.51
C CYS B 141 17.71 6.62 0.49
N LEU B 142 18.27 6.38 -0.69
CA LEU B 142 17.55 5.67 -1.74
C LEU B 142 18.01 4.22 -1.63
N VAL B 143 17.11 3.36 -1.19
CA VAL B 143 17.39 1.94 -1.02
C VAL B 143 16.84 1.21 -2.24
N LYS B 144 17.69 0.94 -3.22
CA LYS B 144 17.15 0.31 -4.42
C LYS B 144 17.74 -1.01 -4.88
N ASP B 145 16.94 -1.68 -5.71
CA ASP B 145 17.31 -2.95 -6.31
C ASP B 145 17.50 -4.09 -5.32
N TYR B 146 16.47 -4.36 -4.54
CA TYR B 146 16.52 -5.45 -3.57
C TYR B 146 15.32 -6.37 -3.78
N PHE B 147 15.43 -7.59 -3.27
CA PHE B 147 14.39 -8.59 -3.41
C PHE B 147 14.68 -9.72 -2.42
N PRO B 148 13.65 -10.22 -1.74
CA PRO B 148 12.25 -9.81 -1.79
C PRO B 148 12.04 -8.73 -0.73
N GLU B 149 10.79 -8.31 -0.54
CA GLU B 149 10.51 -7.34 0.51
C GLU B 149 10.62 -8.14 1.80
N PRO B 150 10.78 -7.47 2.95
CA PRO B 150 10.86 -6.02 3.11
C PRO B 150 12.24 -5.55 3.52
N VAL B 151 12.37 -4.24 3.65
CA VAL B 151 13.58 -3.60 4.11
C VAL B 151 13.09 -2.63 5.18
N THR B 152 13.92 -2.38 6.18
CA THR B 152 13.54 -1.45 7.23
C THR B 152 14.60 -0.35 7.27
N VAL B 153 14.19 0.85 7.67
CA VAL B 153 15.14 1.96 7.75
C VAL B 153 14.93 2.76 9.01
N SER B 154 16.03 3.04 9.71
CA SER B 154 15.99 3.87 10.91
C SER B 154 17.05 4.93 10.69
N TRP B 155 17.05 5.96 11.54
CA TRP B 155 18.02 7.03 11.41
C TRP B 155 18.78 7.23 12.71
N ASN B 156 20.10 7.37 12.59
CA ASN B 156 20.97 7.58 13.73
C ASN B 156 20.73 6.54 14.82
N SER B 157 20.67 5.29 14.39
CA SER B 157 20.46 4.17 15.30
C SER B 157 19.22 4.33 16.17
N GLY B 158 18.21 5.01 15.63
CA GLY B 158 16.97 5.22 16.35
C GLY B 158 16.91 6.53 17.12
N ALA B 159 18.01 7.26 17.13
CA ALA B 159 18.07 8.54 17.83
C ALA B 159 17.28 9.61 17.09
N LEU B 160 17.02 9.39 15.80
CA LEU B 160 16.28 10.37 15.00
C LEU B 160 14.98 9.76 14.46
N THR B 161 13.84 10.29 14.90
CA THR B 161 12.55 9.79 14.44
C THR B 161 11.59 10.89 13.97
N SER B 162 11.67 12.06 14.59
CA SER B 162 10.80 13.15 14.21
C SER B 162 11.13 13.64 12.80
N GLY B 163 10.10 13.77 11.96
CA GLY B 163 10.31 14.25 10.60
C GLY B 163 10.77 13.20 9.61
N VAL B 164 10.84 11.95 10.06
CA VAL B 164 11.25 10.86 9.19
C VAL B 164 10.07 10.31 8.39
N HIS B 165 10.28 10.08 7.11
CA HIS B 165 9.25 9.52 6.24
C HIS B 165 9.87 8.41 5.40
N THR B 166 9.51 7.16 5.70
CA THR B 166 10.00 6.03 4.95
C THR B 166 8.83 5.60 4.09
N PHE B 167 8.98 5.80 2.79
CA PHE B 167 7.96 5.51 1.80
C PHE B 167 7.72 4.06 1.47
N PRO B 168 6.51 3.74 1.01
CA PRO B 168 6.20 2.37 0.64
C PRO B 168 7.14 2.00 -0.50
N ALA B 169 7.58 0.75 -0.54
CA ALA B 169 8.46 0.33 -1.61
C ALA B 169 7.67 0.26 -2.90
N VAL B 170 8.37 0.35 -4.02
CA VAL B 170 7.74 0.26 -5.32
C VAL B 170 8.42 -0.85 -6.09
N LEU B 171 7.65 -1.58 -6.88
CA LEU B 171 8.21 -2.65 -7.68
C LEU B 171 8.61 -2.05 -9.01
N GLN B 172 9.90 -2.11 -9.32
CA GLN B 172 10.43 -1.57 -10.57
C GLN B 172 10.21 -2.53 -11.72
N SER B 173 10.31 -2.02 -12.94
CA SER B 173 10.11 -2.84 -14.13
C SER B 173 11.10 -4.00 -14.18
N SER B 174 12.22 -3.85 -13.49
CA SER B 174 13.26 -4.87 -13.45
C SER B 174 12.87 -6.07 -12.58
N GLY B 175 11.83 -5.90 -11.78
CA GLY B 175 11.39 -6.98 -10.90
C GLY B 175 11.98 -6.83 -9.51
N LEU B 176 12.76 -5.76 -9.31
CA LEU B 176 13.39 -5.50 -8.02
C LEU B 176 12.70 -4.32 -7.37
N TYR B 177 12.74 -4.28 -6.03
CA TYR B 177 12.10 -3.20 -5.30
C TYR B 177 13.04 -2.05 -5.03
N SER B 178 12.45 -0.90 -4.69
CA SER B 178 13.20 0.29 -4.35
C SER B 178 12.32 1.15 -3.47
N LEU B 179 12.93 1.82 -2.50
CA LEU B 179 12.19 2.73 -1.64
C LEU B 179 13.12 3.77 -1.12
N SER B 180 12.56 4.91 -0.72
CA SER B 180 13.36 5.99 -0.20
C SER B 180 12.89 6.31 1.20
N SER B 181 13.84 6.76 2.02
CA SER B 181 13.56 7.16 3.39
C SER B 181 14.16 8.55 3.50
N VAL B 182 13.36 9.51 3.95
CA VAL B 182 13.83 10.88 4.07
C VAL B 182 13.56 11.45 5.45
N VAL B 183 14.18 12.58 5.73
CA VAL B 183 13.97 13.26 7.00
C VAL B 183 14.28 14.73 6.77
N THR B 184 13.52 15.59 7.41
CA THR B 184 13.77 17.03 7.31
C THR B 184 14.44 17.40 8.63
N VAL B 185 15.46 18.26 8.54
CA VAL B 185 16.22 18.71 9.70
C VAL B 185 16.59 20.17 9.49
N PRO B 186 17.01 20.86 10.57
CA PRO B 186 17.38 22.27 10.37
C PRO B 186 18.62 22.38 9.49
N SER B 187 18.61 23.31 8.54
CA SER B 187 19.77 23.48 7.68
C SER B 187 20.99 23.81 8.52
N SER B 188 20.76 24.53 9.62
CA SER B 188 21.83 24.93 10.53
C SER B 188 22.47 23.76 11.28
N SER B 189 21.90 22.57 11.12
CA SER B 189 22.41 21.38 11.81
C SER B 189 23.34 20.55 10.93
N LEU B 190 23.33 20.81 9.63
CA LEU B 190 24.15 20.04 8.71
C LEU B 190 25.64 20.00 9.05
N GLY B 191 26.15 21.04 9.69
CA GLY B 191 27.56 21.08 10.04
C GLY B 191 27.87 20.70 11.49
N THR B 192 26.86 20.31 12.25
CA THR B 192 27.08 19.95 13.65
C THR B 192 26.52 18.57 14.02
N GLN B 193 25.69 18.01 13.15
CA GLN B 193 25.11 16.69 13.41
C GLN B 193 25.24 15.76 12.22
N THR B 194 25.65 14.52 12.50
CA THR B 194 25.80 13.51 11.47
C THR B 194 24.48 12.78 11.25
N TYR B 195 24.17 12.49 9.99
CA TYR B 195 22.94 11.77 9.67
C TYR B 195 23.26 10.47 8.96
N ILE B 196 22.88 9.37 9.59
CA ILE B 196 23.15 8.04 9.05
C ILE B 196 21.88 7.20 8.98
N CYS B 197 21.61 6.63 7.82
CA CYS B 197 20.44 5.77 7.71
C CYS B 197 20.87 4.33 7.96
N ASN B 198 20.10 3.63 8.78
CA ASN B 198 20.38 2.24 9.11
C ASN B 198 19.41 1.39 8.31
N VAL B 199 19.94 0.72 7.30
CA VAL B 199 19.13 -0.12 6.42
C VAL B 199 19.30 -1.59 6.69
N ASN B 200 18.17 -2.28 6.83
CA ASN B 200 18.23 -3.71 7.07
C ASN B 200 17.35 -4.46 6.08
N HIS B 201 17.94 -5.46 5.44
CA HIS B 201 17.21 -6.29 4.49
C HIS B 201 17.33 -7.72 5.03
N LYS B 202 16.45 -8.06 5.95
CA LYS B 202 16.48 -9.38 6.58
C LYS B 202 16.44 -10.58 5.63
N PRO B 203 15.67 -10.50 4.53
CA PRO B 203 15.64 -11.65 3.62
C PRO B 203 17.03 -12.08 3.14
N SER B 204 17.97 -11.14 3.11
CA SER B 204 19.32 -11.47 2.67
C SER B 204 20.27 -11.31 3.86
N ASN B 205 19.70 -11.06 5.03
CA ASN B 205 20.47 -10.86 6.25
C ASN B 205 21.54 -9.81 6.01
N THR B 206 21.19 -8.80 5.21
CA THR B 206 22.10 -7.72 4.88
C THR B 206 21.74 -6.45 5.64
N LYS B 207 22.74 -5.79 6.21
CA LYS B 207 22.51 -4.57 6.95
C LYS B 207 23.61 -3.59 6.54
N VAL B 208 23.26 -2.31 6.48
CA VAL B 208 24.24 -1.30 6.10
C VAL B 208 23.88 0.07 6.62
N ASP B 209 24.84 0.73 7.26
CA ASP B 209 24.64 2.08 7.79
C ASP B 209 25.32 3.03 6.82
N LYS B 210 24.55 3.94 6.25
CA LYS B 210 25.08 4.89 5.28
C LYS B 210 25.00 6.33 5.78
N LYS B 211 26.16 6.98 5.86
CA LYS B 211 26.23 8.37 6.31
C LYS B 211 25.87 9.26 5.12
N VAL B 212 24.95 10.20 5.35
CA VAL B 212 24.51 11.11 4.30
C VAL B 212 25.01 12.52 4.59
N GLU B 213 25.84 13.05 3.70
CA GLU B 213 26.40 14.38 3.89
C GLU B 213 26.22 15.26 2.67
N PRO B 214 26.39 16.59 2.84
CA PRO B 214 26.25 17.50 1.71
C PRO B 214 27.32 17.17 0.67
N LYS B 215 27.00 17.39 -0.60
CA LYS B 215 27.94 17.12 -1.67
C LYS B 215 28.94 18.27 -1.79
N SER B 216 30.23 17.92 -1.87
CA SER B 216 31.28 18.91 -1.98
C SER B 216 32.14 18.68 -3.22
N CYS B 217 32.32 19.73 -4.01
CA CYS B 217 33.14 19.65 -5.22
C CYS B 217 34.59 19.35 -4.91
N ASP B 218 35.02 19.71 -3.70
CA ASP B 218 36.41 19.51 -3.29
C ASP B 218 36.74 18.05 -3.02
N LYS B 219 35.75 17.30 -2.56
CA LYS B 219 35.95 15.90 -2.22
C LYS B 219 35.86 14.91 -3.37
N THR B 220 36.52 13.77 -3.19
CA THR B 220 36.55 12.72 -4.20
C THR B 220 35.50 11.65 -3.92
#